data_5HGW
#
_entry.id   5HGW
#
_cell.length_a   116.690
_cell.length_b   121.350
_cell.length_c   71.290
_cell.angle_alpha   90.000
_cell.angle_beta   90.000
_cell.angle_gamma   90.000
#
_symmetry.space_group_name_H-M   'C 2 2 21'
#
loop_
_entity.id
_entity.type
_entity.pdbx_description
1 polymer 'Peptide deformylase'
2 non-polymer 'FE (III) ION'
3 non-polymer 'SULFATE ION'
4 non-polymer 1,2-ETHANEDIOL
5 water water
#
_entity_poly.entity_id   1
_entity_poly.type   'polypeptide(L)'
_entity_poly.pdbx_seq_one_letter_code
;MAHHHHHHMIREILKMGDPRLLEVAKPVAQFDTPELHEIVADMFETMHHANGAGLAAPQIGIGLQIIIFGFGSNNRYPDA
PPVPETVLINPKLEYMPPDMEEGWEGCLSVPGMRGVVSRYAKVRYSGYDQFGAKIDRVAEGFHARVVQHEYDHLIGKLYP
MRITDFTRFGFTEVLFPGLDPTDDD
;
_entity_poly.pdbx_strand_id   A,B
#
loop_
_chem_comp.id
_chem_comp.type
_chem_comp.name
_chem_comp.formula
EDO non-polymer 1,2-ETHANEDIOL 'C2 H6 O2'
FE non-polymer 'FE (III) ION' 'Fe 3'
SO4 non-polymer 'SULFATE ION' 'O4 S -2'
#
# COMPACT_ATOMS: atom_id res chain seq x y z
N HIS A 6 8.60 3.74 -36.88
CA HIS A 6 7.54 3.20 -36.02
C HIS A 6 8.09 2.19 -35.01
N HIS A 7 8.91 2.65 -34.07
CA HIS A 7 9.61 1.73 -33.17
C HIS A 7 8.67 1.13 -32.14
N HIS A 8 8.79 -0.18 -31.94
CA HIS A 8 8.01 -0.86 -30.91
C HIS A 8 8.34 -0.32 -29.53
N MET A 9 7.31 -0.06 -28.73
CA MET A 9 7.47 0.33 -27.33
C MET A 9 6.85 -0.74 -26.44
N ILE A 10 7.63 -1.24 -25.50
CA ILE A 10 7.08 -2.19 -24.55
C ILE A 10 5.88 -1.57 -23.83
N ARG A 11 4.84 -2.36 -23.60
CA ARG A 11 3.68 -1.82 -22.91
CA ARG A 11 3.67 -1.84 -22.91
C ARG A 11 3.98 -1.64 -21.43
N GLU A 12 3.62 -0.46 -20.91
CA GLU A 12 3.80 -0.16 -19.50
C GLU A 12 2.73 -0.83 -18.65
N ILE A 13 3.11 -1.16 -17.41
CA ILE A 13 2.18 -1.76 -16.45
C ILE A 13 1.46 -0.66 -15.70
N LEU A 14 0.14 -0.70 -15.70
CA LEU A 14 -0.64 0.29 -14.95
C LEU A 14 -0.47 0.08 -13.45
N LYS A 15 -0.35 1.18 -12.70
CA LYS A 15 -0.17 1.08 -11.26
C LYS A 15 -1.49 1.30 -10.52
N MET A 16 -1.59 0.63 -9.36
CA MET A 16 -2.79 0.77 -8.54
CA MET A 16 -2.77 0.77 -8.50
C MET A 16 -3.09 2.24 -8.30
N GLY A 17 -4.39 2.59 -8.40
CA GLY A 17 -4.86 3.95 -8.47
C GLY A 17 -5.41 4.28 -9.84
N ASP A 18 -4.94 3.58 -10.87
CA ASP A 18 -5.51 3.74 -12.20
C ASP A 18 -6.89 3.09 -12.24
N PRO A 19 -7.95 3.82 -12.63
CA PRO A 19 -9.30 3.23 -12.53
C PRO A 19 -9.50 2.05 -13.46
N ARG A 20 -8.65 1.89 -14.48
CA ARG A 20 -8.81 0.77 -15.38
C ARG A 20 -8.61 -0.57 -14.67
N LEU A 21 -7.82 -0.57 -13.57
CA LEU A 21 -7.57 -1.82 -12.85
C LEU A 21 -8.79 -2.26 -12.03
N LEU A 22 -9.80 -1.42 -11.88
CA LEU A 22 -10.98 -1.72 -11.08
C LEU A 22 -12.15 -2.16 -11.95
N GLU A 23 -11.98 -2.12 -13.27
CA GLU A 23 -13.04 -2.51 -14.18
CA GLU A 23 -13.06 -2.51 -14.15
C GLU A 23 -13.15 -4.03 -14.26
N VAL A 24 -14.29 -4.49 -14.77
CA VAL A 24 -14.48 -5.93 -15.00
C VAL A 24 -14.20 -6.19 -16.47
N ALA A 25 -13.22 -7.03 -16.77
CA ALA A 25 -12.80 -7.23 -18.16
C ALA A 25 -13.86 -7.93 -18.99
N LYS A 26 -13.90 -7.58 -20.31
CA LYS A 26 -14.85 -8.14 -21.24
C LYS A 26 -14.33 -9.46 -21.80
N PRO A 27 -15.20 -10.38 -22.17
CA PRO A 27 -14.69 -11.62 -22.77
C PRO A 27 -14.12 -11.38 -24.17
N VAL A 28 -13.14 -12.21 -24.50
CA VAL A 28 -12.65 -12.29 -25.88
C VAL A 28 -13.69 -12.99 -26.74
N ALA A 29 -14.08 -12.33 -27.85
CA ALA A 29 -15.11 -12.90 -28.71
C ALA A 29 -14.55 -13.74 -29.85
N GLN A 30 -13.36 -13.43 -30.35
CA GLN A 30 -12.82 -14.14 -31.50
C GLN A 30 -11.43 -14.62 -31.17
N PHE A 31 -11.18 -15.91 -31.37
CA PHE A 31 -9.84 -16.45 -31.10
C PHE A 31 -9.00 -16.47 -32.36
N ASP A 32 -7.69 -16.61 -32.13
CA ASP A 32 -6.74 -16.87 -33.21
C ASP A 32 -6.73 -15.73 -34.24
N THR A 33 -6.84 -14.49 -33.75
CA THR A 33 -6.74 -13.35 -34.64
C THR A 33 -5.35 -12.75 -34.58
N PRO A 34 -4.91 -12.04 -35.63
CA PRO A 34 -3.63 -11.32 -35.52
C PRO A 34 -3.59 -10.39 -34.30
N GLU A 35 -4.68 -9.67 -34.03
CA GLU A 35 -4.72 -8.78 -32.88
C GLU A 35 -4.50 -9.52 -31.56
N LEU A 36 -5.13 -10.69 -31.40
CA LEU A 36 -4.95 -11.46 -30.17
C LEU A 36 -3.53 -11.98 -30.05
N HIS A 37 -2.94 -12.44 -31.15
CA HIS A 37 -1.55 -12.90 -31.05
C HIS A 37 -0.63 -11.73 -30.68
N GLU A 38 -0.93 -10.52 -31.16
CA GLU A 38 -0.10 -9.39 -30.76
C GLU A 38 -0.28 -9.05 -29.28
N ILE A 39 -1.52 -9.07 -28.78
CA ILE A 39 -1.73 -8.79 -27.36
C ILE A 39 -0.96 -9.79 -26.50
N VAL A 40 -1.03 -11.06 -26.85
CA VAL A 40 -0.34 -12.09 -26.07
C VAL A 40 1.17 -11.83 -26.11
N ALA A 41 1.71 -11.50 -27.30
CA ALA A 41 3.14 -11.22 -27.40
C ALA A 41 3.53 -10.03 -26.53
N ASP A 42 2.74 -8.97 -26.57
CA ASP A 42 3.06 -7.81 -25.73
C ASP A 42 2.98 -8.16 -24.25
N MET A 43 2.00 -8.98 -23.87
CA MET A 43 1.88 -9.35 -22.45
C MET A 43 3.11 -10.12 -22.00
N PHE A 44 3.55 -11.11 -22.80
CA PHE A 44 4.75 -11.84 -22.39
C PHE A 44 5.96 -10.93 -22.34
N GLU A 45 6.07 -10.00 -23.29
CA GLU A 45 7.21 -9.10 -23.28
C GLU A 45 7.23 -8.28 -22.01
N THR A 46 6.08 -7.71 -21.65
CA THR A 46 5.97 -6.87 -20.46
C THR A 46 6.21 -7.69 -19.18
N MET A 47 5.60 -8.87 -19.11
CA MET A 47 5.75 -9.73 -17.93
C MET A 47 7.20 -10.14 -17.72
N HIS A 48 7.85 -10.61 -18.80
CA HIS A 48 9.22 -11.09 -18.65
C HIS A 48 10.17 -9.97 -18.26
N HIS A 49 9.99 -8.78 -18.83
CA HIS A 49 10.92 -7.72 -18.56
C HIS A 49 10.86 -7.30 -17.10
N ALA A 50 9.69 -7.47 -16.49
CA ALA A 50 9.44 -7.08 -15.11
C ALA A 50 9.55 -8.23 -14.12
N ASN A 51 9.99 -9.41 -14.57
CA ASN A 51 10.06 -10.60 -13.71
C ASN A 51 8.72 -10.95 -13.07
N GLY A 52 7.67 -10.83 -13.87
CA GLY A 52 6.34 -11.16 -13.39
C GLY A 52 6.14 -12.66 -13.25
N ALA A 53 5.32 -13.04 -12.27
CA ALA A 53 4.85 -14.43 -12.21
C ALA A 53 3.67 -14.65 -13.14
N GLY A 54 2.93 -13.58 -13.44
CA GLY A 54 1.77 -13.64 -14.31
C GLY A 54 1.45 -12.22 -14.71
N LEU A 55 0.46 -12.09 -15.58
CA LEU A 55 0.02 -10.77 -16.01
C LEU A 55 -1.39 -10.91 -16.55
N ALA A 56 -2.23 -9.90 -16.30
CA ALA A 56 -3.59 -9.86 -16.86
C ALA A 56 -3.70 -8.67 -17.81
N ALA A 57 -4.46 -8.86 -18.89
CA ALA A 57 -4.52 -7.81 -19.91
C ALA A 57 -4.92 -6.44 -19.36
N PRO A 58 -5.80 -6.32 -18.36
CA PRO A 58 -6.11 -4.96 -17.86
C PRO A 58 -4.90 -4.24 -17.31
N GLN A 59 -3.87 -4.96 -16.90
CA GLN A 59 -2.68 -4.31 -16.38
C GLN A 59 -1.87 -3.60 -17.45
N ILE A 60 -2.08 -3.92 -18.74
CA ILE A 60 -1.47 -3.12 -19.80
C ILE A 60 -2.55 -2.37 -20.57
N GLY A 61 -3.65 -2.06 -19.89
CA GLY A 61 -4.65 -1.18 -20.49
C GLY A 61 -5.59 -1.82 -21.50
N ILE A 62 -5.71 -3.14 -21.48
CA ILE A 62 -6.54 -3.89 -22.43
C ILE A 62 -7.63 -4.59 -21.59
N GLY A 63 -8.89 -4.18 -21.80
CA GLY A 63 -9.97 -4.62 -20.94
C GLY A 63 -10.59 -5.93 -21.37
N LEU A 64 -9.75 -6.96 -21.48
CA LEU A 64 -10.15 -8.26 -21.97
C LEU A 64 -9.75 -9.36 -20.99
N GLN A 65 -10.50 -10.46 -21.03
CA GLN A 65 -10.30 -11.59 -20.12
C GLN A 65 -9.16 -12.47 -20.63
N ILE A 66 -7.93 -11.98 -20.46
CA ILE A 66 -6.74 -12.69 -20.90
C ILE A 66 -5.75 -12.67 -19.73
N ILE A 67 -5.31 -13.84 -19.29
CA ILE A 67 -4.24 -13.91 -18.31
C ILE A 67 -3.14 -14.80 -18.85
N ILE A 68 -1.89 -14.49 -18.46
CA ILE A 68 -0.75 -15.35 -18.72
C ILE A 68 -0.03 -15.58 -17.41
N PHE A 69 0.68 -16.71 -17.32
CA PHE A 69 1.44 -16.99 -16.10
C PHE A 69 2.40 -18.13 -16.36
N GLY A 70 3.35 -18.28 -15.45
CA GLY A 70 4.22 -19.44 -15.47
C GLY A 70 5.65 -19.08 -15.81
N PHE A 71 6.55 -20.00 -15.40
CA PHE A 71 8.01 -19.80 -15.39
C PHE A 71 8.64 -21.10 -14.91
N GLY A 72 9.93 -21.26 -15.22
CA GLY A 72 10.70 -22.30 -14.54
C GLY A 72 11.10 -21.80 -13.17
N SER A 73 11.64 -20.59 -13.11
CA SER A 73 12.01 -19.98 -11.86
CA SER A 73 12.03 -19.97 -11.87
C SER A 73 11.69 -18.49 -11.96
N ASN A 74 11.49 -17.86 -10.81
CA ASN A 74 11.09 -16.45 -10.81
C ASN A 74 11.84 -15.75 -9.70
N ASN A 75 12.51 -14.63 -10.01
CA ASN A 75 13.36 -14.06 -8.97
C ASN A 75 12.63 -13.05 -8.09
N ARG A 76 11.37 -12.73 -8.36
CA ARG A 76 10.55 -11.98 -7.41
C ARG A 76 9.86 -12.90 -6.42
N TYR A 77 9.73 -14.18 -6.77
CA TYR A 77 9.14 -15.21 -5.90
C TYR A 77 10.10 -16.39 -5.92
N PRO A 78 11.29 -16.22 -5.35
CA PRO A 78 12.34 -17.26 -5.49
C PRO A 78 11.98 -18.59 -4.83
N ASP A 79 11.02 -18.63 -3.91
CA ASP A 79 10.63 -19.91 -3.32
C ASP A 79 9.58 -20.61 -4.15
N ALA A 80 9.04 -19.97 -5.17
CA ALA A 80 7.98 -20.58 -5.96
C ALA A 80 8.54 -21.70 -6.84
N PRO A 81 7.84 -22.83 -6.92
CA PRO A 81 8.23 -23.92 -7.81
C PRO A 81 7.90 -23.57 -9.25
N PRO A 82 8.36 -24.33 -10.22
CA PRO A 82 7.94 -24.11 -11.60
C PRO A 82 6.42 -24.13 -11.72
N VAL A 83 5.89 -23.24 -12.59
CA VAL A 83 4.46 -23.15 -12.89
C VAL A 83 4.34 -23.24 -14.40
N PRO A 84 3.49 -24.09 -14.95
CA PRO A 84 3.46 -24.22 -16.42
C PRO A 84 3.12 -22.91 -17.12
N GLU A 85 3.92 -22.56 -18.12
CA GLU A 85 3.63 -21.35 -18.89
C GLU A 85 2.31 -21.53 -19.62
N THR A 86 1.40 -20.58 -19.42
CA THR A 86 0.02 -20.72 -19.84
C THR A 86 -0.54 -19.38 -20.31
N VAL A 87 -1.32 -19.45 -21.40
CA VAL A 87 -2.21 -18.38 -21.83
C VAL A 87 -3.63 -18.86 -21.57
N LEU A 88 -4.39 -18.13 -20.75
CA LEU A 88 -5.74 -18.57 -20.37
C LEU A 88 -6.71 -17.43 -20.66
N ILE A 89 -7.65 -17.70 -21.56
CA ILE A 89 -8.57 -16.68 -22.05
C ILE A 89 -9.98 -17.06 -21.63
N ASN A 90 -10.78 -16.05 -21.27
CA ASN A 90 -12.12 -16.23 -20.72
C ASN A 90 -12.15 -17.28 -19.60
N PRO A 91 -11.32 -17.13 -18.57
CA PRO A 91 -11.21 -18.17 -17.55
C PRO A 91 -12.49 -18.35 -16.76
N LYS A 92 -12.74 -19.61 -16.39
CA LYS A 92 -13.76 -19.97 -15.41
CA LYS A 92 -13.76 -19.96 -15.42
C LYS A 92 -13.02 -20.66 -14.29
N LEU A 93 -13.13 -20.12 -13.07
CA LEU A 93 -12.49 -20.71 -11.91
C LEU A 93 -13.53 -21.36 -11.02
N GLU A 94 -13.12 -22.45 -10.38
CA GLU A 94 -13.88 -23.04 -9.27
CA GLU A 94 -13.87 -23.04 -9.28
C GLU A 94 -12.98 -23.04 -8.05
N TYR A 95 -13.44 -22.38 -7.01
CA TYR A 95 -12.75 -22.45 -5.73
C TYR A 95 -13.13 -23.74 -5.00
N MET A 96 -12.16 -24.34 -4.31
CA MET A 96 -12.40 -25.58 -3.57
C MET A 96 -12.27 -25.42 -2.06
N PRO A 97 -13.34 -25.01 -1.37
CA PRO A 97 -13.28 -24.94 0.10
C PRO A 97 -13.07 -26.31 0.71
N PRO A 98 -12.63 -26.38 1.95
CA PRO A 98 -12.35 -25.25 2.85
C PRO A 98 -10.89 -24.91 3.02
N ASP A 99 -9.96 -25.64 2.37
CA ASP A 99 -8.55 -25.49 2.70
C ASP A 99 -7.96 -24.23 2.12
N MET A 100 -7.50 -23.35 3.00
CA MET A 100 -6.91 -22.08 2.61
C MET A 100 -5.44 -22.07 2.97
N GLU A 101 -4.68 -21.25 2.25
CA GLU A 101 -3.26 -21.10 2.54
C GLU A 101 -2.90 -19.63 2.49
N GLU A 102 -2.15 -19.15 3.49
CA GLU A 102 -1.61 -17.80 3.44
C GLU A 102 -0.25 -17.81 2.74
N GLY A 103 0.06 -16.70 2.10
CA GLY A 103 1.37 -16.54 1.48
C GLY A 103 1.63 -15.08 1.17
N TRP A 104 2.91 -14.73 1.06
CA TRP A 104 3.27 -13.37 0.69
C TRP A 104 3.05 -13.16 -0.80
N GLU A 105 2.28 -12.13 -1.15
CA GLU A 105 2.03 -11.79 -2.54
C GLU A 105 2.54 -10.40 -2.85
N GLY A 106 2.97 -10.24 -4.09
CA GLY A 106 3.20 -8.93 -4.65
C GLY A 106 2.40 -8.79 -5.91
N CYS A 107 2.67 -7.72 -6.64
CA CYS A 107 1.94 -7.45 -7.87
C CYS A 107 2.73 -6.42 -8.65
N LEU A 108 2.88 -6.64 -9.96
CA LEU A 108 3.56 -5.68 -10.77
C LEU A 108 2.82 -4.33 -10.78
N SER A 109 1.51 -4.31 -10.51
CA SER A 109 0.79 -3.04 -10.40
C SER A 109 0.92 -2.41 -9.02
N VAL A 110 1.59 -3.10 -8.10
CA VAL A 110 1.85 -2.54 -6.77
C VAL A 110 3.34 -2.65 -6.52
N PRO A 111 4.16 -1.97 -7.32
CA PRO A 111 5.61 -2.16 -7.19
C PRO A 111 6.11 -1.86 -5.79
N GLY A 112 7.06 -2.71 -5.35
CA GLY A 112 7.81 -2.46 -4.15
C GLY A 112 7.20 -2.96 -2.86
N MET A 113 6.08 -3.69 -2.94
CA MET A 113 5.38 -4.12 -1.73
CA MET A 113 5.32 -4.10 -1.76
C MET A 113 5.10 -5.60 -1.75
N ARG A 114 4.84 -6.14 -0.56
CA ARG A 114 4.33 -7.49 -0.38
C ARG A 114 3.30 -7.48 0.75
N GLY A 115 2.35 -8.42 0.69
CA GLY A 115 1.40 -8.55 1.78
C GLY A 115 0.93 -10.00 1.87
N VAL A 116 0.51 -10.41 3.05
CA VAL A 116 0.04 -11.80 3.22
C VAL A 116 -1.41 -11.88 2.79
N VAL A 117 -1.71 -12.87 1.91
CA VAL A 117 -3.05 -13.05 1.35
C VAL A 117 -3.45 -14.50 1.53
N SER A 118 -4.68 -14.72 1.98
CA SER A 118 -5.22 -16.07 2.06
C SER A 118 -5.83 -16.44 0.70
N ARG A 119 -5.47 -17.61 0.17
CA ARG A 119 -6.00 -18.11 -1.10
C ARG A 119 -6.52 -19.53 -0.91
N TYR A 120 -7.36 -19.98 -1.84
CA TYR A 120 -7.68 -21.41 -1.85
C TYR A 120 -6.44 -22.21 -2.14
N ALA A 121 -6.24 -23.30 -1.38
CA ALA A 121 -5.11 -24.19 -1.64
C ALA A 121 -5.26 -24.85 -3.00
N LYS A 122 -6.49 -25.08 -3.44
CA LYS A 122 -6.74 -25.73 -4.72
C LYS A 122 -7.87 -25.02 -5.45
N VAL A 123 -7.72 -24.92 -6.78
CA VAL A 123 -8.76 -24.42 -7.65
C VAL A 123 -8.80 -25.27 -8.92
N ARG A 124 -9.97 -25.29 -9.55
CA ARG A 124 -10.08 -25.77 -10.93
CA ARG A 124 -10.10 -25.76 -10.92
C ARG A 124 -10.14 -24.55 -11.84
N TYR A 125 -9.50 -24.64 -13.01
CA TYR A 125 -9.68 -23.54 -13.95
C TYR A 125 -9.81 -24.08 -15.36
N SER A 126 -10.64 -23.41 -16.14
CA SER A 126 -10.79 -23.79 -17.53
C SER A 126 -10.88 -22.53 -18.36
N GLY A 127 -10.77 -22.69 -19.66
CA GLY A 127 -10.83 -21.56 -20.57
C GLY A 127 -10.25 -21.98 -21.90
N TYR A 128 -9.65 -21.02 -22.59
CA TYR A 128 -9.13 -21.29 -23.93
C TYR A 128 -7.75 -20.68 -24.09
N ASP A 129 -6.93 -21.29 -24.94
CA ASP A 129 -5.68 -20.63 -25.29
C ASP A 129 -5.94 -19.65 -26.45
N GLN A 130 -4.89 -18.98 -26.94
CA GLN A 130 -5.08 -17.95 -27.96
C GLN A 130 -5.44 -18.52 -29.31
N PHE A 131 -5.26 -19.83 -29.50
CA PHE A 131 -5.71 -20.50 -30.72
C PHE A 131 -7.16 -20.96 -30.62
N GLY A 132 -7.75 -20.85 -29.44
CA GLY A 132 -9.11 -21.34 -29.22
C GLY A 132 -9.19 -22.76 -28.70
N ALA A 133 -8.07 -23.40 -28.37
CA ALA A 133 -8.14 -24.75 -27.78
C ALA A 133 -8.53 -24.69 -26.31
N LYS A 134 -9.26 -25.71 -25.87
CA LYS A 134 -9.74 -25.75 -24.49
CA LYS A 134 -9.74 -25.77 -24.49
C LYS A 134 -8.62 -26.13 -23.51
N ILE A 135 -8.65 -25.48 -22.34
CA ILE A 135 -7.76 -25.75 -21.21
C ILE A 135 -8.65 -26.12 -20.04
N ASP A 136 -8.27 -27.15 -19.26
CA ASP A 136 -9.06 -27.54 -18.09
C ASP A 136 -8.08 -28.19 -17.12
N ARG A 137 -7.83 -27.57 -15.98
CA ARG A 137 -6.84 -28.09 -15.04
C ARG A 137 -7.30 -27.92 -13.60
N VAL A 138 -6.72 -28.73 -12.71
CA VAL A 138 -6.76 -28.48 -11.28
C VAL A 138 -5.37 -28.04 -10.84
N ALA A 139 -5.30 -26.97 -10.06
CA ALA A 139 -4.02 -26.42 -9.63
C ALA A 139 -4.01 -26.36 -8.11
N GLU A 140 -2.80 -26.45 -7.52
CA GLU A 140 -2.61 -26.40 -6.08
C GLU A 140 -1.48 -25.43 -5.75
N GLY A 141 -1.43 -25.00 -4.48
CA GLY A 141 -0.28 -24.23 -4.01
C GLY A 141 -0.02 -22.97 -4.81
N PHE A 142 1.25 -22.70 -5.10
CA PHE A 142 1.58 -21.44 -5.77
C PHE A 142 0.96 -21.35 -7.17
N HIS A 143 0.87 -22.48 -7.89
CA HIS A 143 0.16 -22.46 -9.18
C HIS A 143 -1.27 -21.97 -8.98
N ALA A 144 -1.98 -22.52 -7.99
CA ALA A 144 -3.33 -22.04 -7.71
C ALA A 144 -3.33 -20.58 -7.28
N ARG A 145 -2.30 -20.16 -6.52
CA ARG A 145 -2.24 -18.78 -6.04
C ARG A 145 -2.10 -17.80 -7.19
N VAL A 146 -1.15 -18.05 -8.10
CA VAL A 146 -1.00 -17.10 -9.21
CA VAL A 146 -0.98 -17.16 -9.27
C VAL A 146 -2.26 -17.07 -10.08
N VAL A 147 -2.93 -18.21 -10.31
CA VAL A 147 -4.14 -18.18 -11.10
C VAL A 147 -5.22 -17.34 -10.41
N GLN A 148 -5.37 -17.50 -9.08
CA GLN A 148 -6.34 -16.66 -8.36
C GLN A 148 -5.96 -15.19 -8.44
N HIS A 149 -4.67 -14.88 -8.28
CA HIS A 149 -4.20 -13.50 -8.30
C HIS A 149 -4.47 -12.86 -9.66
N GLU A 150 -4.16 -13.57 -10.76
CA GLU A 150 -4.39 -12.97 -12.09
C GLU A 150 -5.87 -12.93 -12.43
N TYR A 151 -6.63 -13.97 -12.04
CA TYR A 151 -8.07 -13.90 -12.26
C TYR A 151 -8.68 -12.69 -11.55
N ASP A 152 -8.24 -12.42 -10.31
CA ASP A 152 -8.74 -11.23 -9.61
C ASP A 152 -8.60 -9.97 -10.46
N HIS A 153 -7.50 -9.85 -11.22
CA HIS A 153 -7.36 -8.66 -12.05
C HIS A 153 -8.49 -8.51 -13.06
N LEU A 154 -9.09 -9.63 -13.50
CA LEU A 154 -10.17 -9.56 -14.48
C LEU A 154 -11.49 -9.12 -13.87
N ILE A 155 -11.62 -9.20 -12.56
CA ILE A 155 -12.83 -8.75 -11.89
C ILE A 155 -12.57 -7.52 -11.03
N GLY A 156 -11.48 -6.80 -11.32
CA GLY A 156 -11.28 -5.50 -10.71
C GLY A 156 -10.71 -5.55 -9.31
N LYS A 157 -10.08 -6.66 -8.93
CA LYS A 157 -9.55 -6.84 -7.59
C LYS A 157 -8.04 -6.90 -7.62
N LEU A 158 -7.44 -6.20 -6.66
CA LEU A 158 -6.02 -6.17 -6.42
C LEU A 158 -5.79 -6.71 -5.01
N TYR A 159 -4.61 -7.29 -4.78
CA TYR A 159 -4.46 -8.08 -3.56
C TYR A 159 -4.63 -7.29 -2.25
N PRO A 160 -4.35 -5.98 -2.16
CA PRO A 160 -4.66 -5.30 -0.88
C PRO A 160 -6.12 -5.36 -0.52
N MET A 161 -7.01 -5.57 -1.51
CA MET A 161 -8.43 -5.75 -1.22
C MET A 161 -8.71 -7.07 -0.54
N ARG A 162 -7.80 -8.05 -0.67
CA ARG A 162 -7.96 -9.36 -0.06
C ARG A 162 -7.28 -9.49 1.29
N ILE A 163 -6.35 -8.57 1.64
CA ILE A 163 -5.61 -8.66 2.88
C ILE A 163 -6.55 -8.46 4.07
N THR A 164 -6.38 -9.26 5.12
CA THR A 164 -7.11 -9.03 6.34
C THR A 164 -6.21 -8.62 7.49
N ASP A 165 -4.91 -8.82 7.39
CA ASP A 165 -3.97 -8.53 8.49
C ASP A 165 -2.98 -7.48 7.95
N PHE A 166 -3.28 -6.21 8.22
CA PHE A 166 -2.44 -5.14 7.71
C PHE A 166 -1.22 -4.90 8.57
N THR A 167 -0.97 -5.73 9.56
CA THR A 167 0.38 -5.79 10.14
C THR A 167 1.34 -6.59 9.27
N ARG A 168 0.84 -7.27 8.23
CA ARG A 168 1.71 -8.05 7.36
C ARG A 168 1.54 -7.55 5.94
N PHE A 169 1.84 -6.26 5.76
CA PHE A 169 1.77 -5.56 4.48
C PHE A 169 2.84 -4.50 4.55
N GLY A 170 3.73 -4.43 3.56
CA GLY A 170 4.78 -3.43 3.66
C GLY A 170 5.71 -3.50 2.47
N PHE A 171 6.87 -2.85 2.61
CA PHE A 171 7.77 -2.73 1.47
C PHE A 171 8.71 -3.91 1.39
N THR A 172 8.85 -4.42 0.17
CA THR A 172 9.68 -5.61 -0.07
C THR A 172 11.09 -5.43 0.45
N GLU A 173 11.66 -4.24 0.29
CA GLU A 173 13.04 -4.03 0.71
C GLU A 173 13.22 -4.15 2.22
N VAL A 174 12.16 -3.93 2.99
CA VAL A 174 12.19 -4.08 4.44
C VAL A 174 11.84 -5.50 4.84
N LEU A 175 10.80 -6.07 4.21
CA LEU A 175 10.34 -7.40 4.57
C LEU A 175 11.30 -8.48 4.10
N PHE A 176 11.88 -8.30 2.93
CA PHE A 176 12.73 -9.31 2.29
C PHE A 176 14.01 -8.68 1.74
N PRO A 177 14.90 -8.27 2.62
CA PRO A 177 16.09 -7.51 2.19
C PRO A 177 16.92 -8.18 1.09
N GLY A 178 17.06 -9.51 1.13
CA GLY A 178 17.90 -10.18 0.14
C GLY A 178 17.42 -10.00 -1.29
N LEU A 179 16.11 -10.03 -1.50
CA LEU A 179 15.51 -9.89 -2.83
C LEU A 179 16.09 -8.71 -3.62
N HIS B 6 32.84 13.94 14.28
CA HIS B 6 31.40 13.79 14.05
C HIS B 6 30.92 14.59 12.83
N HIS B 7 30.08 13.97 12.00
CA HIS B 7 29.34 14.66 10.96
C HIS B 7 27.86 14.31 11.13
N HIS B 8 27.00 15.32 11.17
CA HIS B 8 25.57 15.09 11.35
C HIS B 8 24.97 14.35 10.16
N MET B 9 24.13 13.36 10.44
CA MET B 9 23.35 12.64 9.43
C MET B 9 21.87 12.80 9.74
N ILE B 10 21.10 13.25 8.76
CA ILE B 10 19.65 13.33 8.95
C ILE B 10 19.10 11.95 9.28
N ARG B 11 18.11 11.90 10.19
CA ARG B 11 17.52 10.61 10.56
CA ARG B 11 17.54 10.61 10.55
C ARG B 11 16.65 10.09 9.44
N GLU B 12 16.82 8.81 9.12
CA GLU B 12 16.01 8.14 8.10
C GLU B 12 14.63 7.79 8.66
N ILE B 13 13.66 7.80 7.76
CA ILE B 13 12.30 7.40 8.09
C ILE B 13 12.15 5.91 7.84
N LEU B 14 11.64 5.21 8.86
CA LEU B 14 11.37 3.78 8.71
C LEU B 14 10.16 3.54 7.81
N LYS B 15 10.27 2.52 6.97
CA LYS B 15 9.17 2.20 6.04
C LYS B 15 8.28 1.11 6.57
N MET B 16 7.00 1.15 6.17
CA MET B 16 6.06 0.12 6.58
CA MET B 16 6.03 0.13 6.53
C MET B 16 6.58 -1.26 6.22
N GLY B 17 6.44 -2.17 7.19
CA GLY B 17 7.10 -3.46 7.19
C GLY B 17 8.11 -3.57 8.29
N ASP B 18 8.64 -2.45 8.76
CA ASP B 18 9.53 -2.48 9.90
C ASP B 18 8.71 -2.71 11.16
N PRO B 19 9.02 -3.72 11.95
CA PRO B 19 8.16 -4.02 13.11
C PRO B 19 8.13 -2.92 14.13
N ARG B 20 9.13 -2.02 14.13
CA ARG B 20 9.11 -0.93 15.11
C ARG B 20 7.91 -0.01 14.93
N LEU B 21 7.38 0.08 13.70
CA LEU B 21 6.22 0.93 13.49
C LEU B 21 4.93 0.37 14.08
N LEU B 22 4.95 -0.89 14.50
CA LEU B 22 3.75 -1.54 15.07
C LEU B 22 3.77 -1.53 16.59
N GLU B 23 4.86 -1.06 17.20
CA GLU B 23 4.95 -1.05 18.64
C GLU B 23 4.12 0.10 19.21
N VAL B 24 3.90 0.04 20.52
CA VAL B 24 3.24 1.13 21.25
C VAL B 24 4.31 1.94 21.96
N ALA B 25 4.38 3.22 21.63
CA ALA B 25 5.46 4.07 22.13
C ALA B 25 5.36 4.29 23.63
N LYS B 26 6.52 4.42 24.26
CA LYS B 26 6.64 4.65 25.69
C LYS B 26 6.50 6.13 26.01
N PRO B 27 6.01 6.45 27.20
CA PRO B 27 5.89 7.86 27.59
C PRO B 27 7.25 8.48 27.88
N VAL B 28 7.31 9.80 27.70
CA VAL B 28 8.49 10.59 28.01
C VAL B 28 8.41 10.97 29.48
N ALA B 29 9.44 10.61 30.25
CA ALA B 29 9.42 10.83 31.69
C ALA B 29 9.89 12.21 32.11
N GLN B 30 10.75 12.84 31.33
CA GLN B 30 11.35 14.11 31.75
CA GLN B 30 11.34 14.11 31.76
C GLN B 30 11.33 15.07 30.59
N PHE B 31 10.98 16.32 30.88
CA PHE B 31 10.94 17.33 29.83
C PHE B 31 12.17 18.19 29.89
N ASP B 32 12.42 18.93 28.81
CA ASP B 32 13.42 20.00 28.80
C ASP B 32 14.83 19.44 29.05
N THR B 33 15.10 18.24 28.57
CA THR B 33 16.47 17.73 28.63
C THR B 33 17.20 18.07 27.33
N PRO B 34 18.52 18.21 27.37
CA PRO B 34 19.27 18.40 26.11
C PRO B 34 18.93 17.33 25.08
N GLU B 35 18.86 16.06 25.49
CA GLU B 35 18.56 14.99 24.54
CA GLU B 35 18.58 15.03 24.49
C GLU B 35 17.19 15.17 23.89
N LEU B 36 16.19 15.60 24.68
CA LEU B 36 14.86 15.81 24.09
C LEU B 36 14.88 16.96 23.10
N HIS B 37 15.61 18.04 23.39
CA HIS B 37 15.72 19.11 22.41
C HIS B 37 16.40 18.62 21.13
N GLU B 38 17.38 17.71 21.23
CA GLU B 38 18.00 17.18 20.02
C GLU B 38 17.03 16.31 19.23
N ILE B 39 16.28 15.47 19.92
CA ILE B 39 15.29 14.63 19.25
C ILE B 39 14.31 15.49 18.47
N VAL B 40 13.79 16.54 19.10
CA VAL B 40 12.84 17.41 18.42
C VAL B 40 13.48 18.08 17.20
N ALA B 41 14.72 18.57 17.34
CA ALA B 41 15.40 19.16 16.19
C ALA B 41 15.53 18.15 15.06
N ASP B 42 15.92 16.91 15.39
CA ASP B 42 16.09 15.89 14.36
C ASP B 42 14.76 15.58 13.69
N MET B 43 13.67 15.54 14.47
CA MET B 43 12.36 15.25 13.89
C MET B 43 11.96 16.36 12.91
N PHE B 44 12.11 17.63 13.30
CA PHE B 44 11.77 18.70 12.36
C PHE B 44 12.65 18.65 11.12
N GLU B 45 13.94 18.34 11.29
CA GLU B 45 14.82 18.27 10.13
C GLU B 45 14.35 17.17 9.18
N THR B 46 14.01 16.00 9.72
CA THR B 46 13.56 14.90 8.88
C THR B 46 12.22 15.24 8.23
N MET B 47 11.30 15.78 9.03
CA MET B 47 9.97 16.10 8.50
C MET B 47 10.05 17.12 7.39
N HIS B 48 10.83 18.18 7.61
CA HIS B 48 10.91 19.25 6.60
C HIS B 48 11.58 18.75 5.33
N HIS B 49 12.61 17.92 5.45
CA HIS B 49 13.32 17.49 4.24
C HIS B 49 12.42 16.64 3.36
N ALA B 50 11.50 15.93 3.95
CA ALA B 50 10.59 15.06 3.21
C ALA B 50 9.24 15.70 2.94
N ASN B 51 9.10 17.00 3.25
CA ASN B 51 7.83 17.72 3.05
C ASN B 51 6.68 17.03 3.80
N GLY B 52 6.97 16.63 5.03
CA GLY B 52 5.95 15.98 5.83
C GLY B 52 4.94 17.00 6.37
N ALA B 53 3.72 16.52 6.63
CA ALA B 53 2.75 17.29 7.38
C ALA B 53 2.90 17.09 8.88
N GLY B 54 3.48 15.97 9.26
CA GLY B 54 3.69 15.65 10.67
C GLY B 54 4.69 14.52 10.72
N LEU B 55 5.13 14.22 11.93
CA LEU B 55 6.06 13.10 12.12
C LEU B 55 5.92 12.60 13.55
N ALA B 56 5.98 11.29 13.72
CA ALA B 56 5.96 10.69 15.05
C ALA B 56 7.30 10.03 15.33
N ALA B 57 7.77 10.11 16.57
CA ALA B 57 9.11 9.62 16.86
C ALA B 57 9.35 8.17 16.45
N PRO B 58 8.39 7.23 16.58
CA PRO B 58 8.68 5.86 16.13
C PRO B 58 9.04 5.80 14.66
N GLN B 59 8.64 6.79 13.86
CA GLN B 59 8.99 6.76 12.44
C GLN B 59 10.48 6.96 12.20
N ILE B 60 11.23 7.49 13.17
CA ILE B 60 12.69 7.58 13.04
C ILE B 60 13.36 6.66 14.06
N GLY B 61 12.62 5.63 14.49
CA GLY B 61 13.20 4.58 15.31
C GLY B 61 13.27 4.92 16.78
N ILE B 62 12.55 5.94 17.23
CA ILE B 62 12.56 6.39 18.62
C ILE B 62 11.21 6.02 19.20
N GLY B 63 11.22 5.09 20.16
CA GLY B 63 9.97 4.53 20.68
C GLY B 63 9.36 5.33 21.81
N LEU B 64 9.09 6.61 21.54
CA LEU B 64 8.64 7.57 22.53
C LEU B 64 7.40 8.28 22.02
N GLN B 65 6.55 8.70 22.96
CA GLN B 65 5.30 9.42 22.64
C GLN B 65 5.58 10.90 22.33
N ILE B 66 6.16 11.13 21.15
CA ILE B 66 6.48 12.48 20.67
C ILE B 66 5.94 12.61 19.26
N ILE B 67 5.12 13.63 19.04
CA ILE B 67 4.71 13.94 17.68
CA ILE B 67 4.57 13.98 17.73
C ILE B 67 4.96 15.41 17.41
N ILE B 68 5.25 15.71 16.12
CA ILE B 68 5.33 17.09 15.64
C ILE B 68 4.42 17.23 14.44
N PHE B 69 3.98 18.45 14.17
CA PHE B 69 3.19 18.68 12.97
C PHE B 69 3.10 20.18 12.74
N GLY B 70 2.62 20.53 11.56
CA GLY B 70 2.36 21.93 11.31
C GLY B 70 3.25 22.50 10.22
N PHE B 71 2.70 23.47 9.48
CA PHE B 71 3.30 24.12 8.33
C PHE B 71 2.41 25.30 7.95
N GLY B 72 2.96 26.22 7.17
CA GLY B 72 2.16 27.23 6.51
C GLY B 72 1.53 26.69 5.23
N SER B 73 2.36 26.13 4.35
CA SER B 73 1.87 25.42 3.18
C SER B 73 2.71 24.19 3.02
N ASN B 74 2.16 23.18 2.36
CA ASN B 74 2.81 21.89 2.22
C ASN B 74 2.53 21.40 0.80
N ASN B 75 3.58 21.02 0.07
CA ASN B 75 3.36 20.69 -1.33
C ASN B 75 3.07 19.21 -1.58
N ARG B 76 3.14 18.36 -0.55
CA ARG B 76 2.54 17.02 -0.63
C ARG B 76 1.04 17.05 -0.35
N TYR B 77 0.55 18.10 0.30
CA TYR B 77 -0.87 18.29 0.59
C TYR B 77 -1.23 19.73 0.25
N PRO B 78 -1.28 20.06 -1.04
CA PRO B 78 -1.49 21.46 -1.45
C PRO B 78 -2.86 22.03 -1.07
N ASP B 79 -3.86 21.18 -0.82
CA ASP B 79 -5.16 21.67 -0.39
C ASP B 79 -5.23 21.96 1.11
N ALA B 80 -4.21 21.57 1.89
CA ALA B 80 -4.29 21.74 3.35
C ALA B 80 -4.06 23.20 3.74
N PRO B 81 -4.84 23.72 4.68
CA PRO B 81 -4.63 25.08 5.17
C PRO B 81 -3.46 25.10 6.14
N PRO B 82 -2.98 26.28 6.55
CA PRO B 82 -1.95 26.33 7.59
C PRO B 82 -2.39 25.56 8.83
N VAL B 83 -1.43 24.85 9.44
CA VAL B 83 -1.63 24.09 10.66
C VAL B 83 -0.61 24.57 11.67
N PRO B 84 -0.97 24.84 12.92
CA PRO B 84 -0.01 25.40 13.88
C PRO B 84 1.15 24.46 14.14
N GLU B 85 2.36 24.99 14.03
CA GLU B 85 3.55 24.19 14.32
C GLU B 85 3.55 23.82 15.78
N THR B 86 3.66 22.52 16.07
CA THR B 86 3.40 21.99 17.38
C THR B 86 4.35 20.83 17.68
N VAL B 87 4.82 20.79 18.92
CA VAL B 87 5.46 19.60 19.50
C VAL B 87 4.50 19.08 20.58
N LEU B 88 4.07 17.83 20.48
CA LEU B 88 3.04 17.30 21.39
C LEU B 88 3.56 16.00 21.97
N ILE B 89 3.80 16.00 23.27
CA ILE B 89 4.44 14.87 23.96
C ILE B 89 3.42 14.26 24.92
N ASN B 90 3.45 12.93 25.02
CA ASN B 90 2.51 12.15 25.83
C ASN B 90 1.06 12.56 25.56
N PRO B 91 0.63 12.54 24.30
CA PRO B 91 -0.69 13.07 23.98
C PRO B 91 -1.82 12.24 24.52
N LYS B 92 -2.91 12.94 24.86
CA LYS B 92 -4.20 12.35 25.15
CA LYS B 92 -4.20 12.33 25.14
C LYS B 92 -5.19 12.93 24.15
N LEU B 93 -5.87 12.08 23.41
CA LEU B 93 -6.86 12.52 22.45
C LEU B 93 -8.27 12.15 22.93
N GLU B 94 -9.24 12.99 22.56
CA GLU B 94 -10.66 12.67 22.68
CA GLU B 94 -10.66 12.66 22.68
C GLU B 94 -11.28 12.80 21.30
N TYR B 95 -11.89 11.72 20.84
CA TYR B 95 -12.68 11.76 19.60
C TYR B 95 -14.07 12.32 19.89
N MET B 96 -14.59 13.13 18.95
CA MET B 96 -15.92 13.75 19.09
C MET B 96 -16.91 13.18 18.07
N PRO B 97 -17.56 12.05 18.36
CA PRO B 97 -18.59 11.54 17.46
C PRO B 97 -19.75 12.52 17.35
N PRO B 98 -20.56 12.40 16.30
CA PRO B 98 -20.52 11.36 15.27
C PRO B 98 -19.96 11.80 13.93
N ASP B 99 -19.53 13.05 13.82
CA ASP B 99 -19.23 13.60 12.50
C ASP B 99 -17.86 13.14 12.03
N MET B 100 -17.85 12.39 10.92
CA MET B 100 -16.64 11.87 10.28
C MET B 100 -16.46 12.52 8.92
N GLU B 101 -15.20 12.59 8.47
CA GLU B 101 -14.85 13.14 7.17
C GLU B 101 -13.88 12.21 6.49
N GLU B 102 -14.11 11.92 5.20
CA GLU B 102 -13.12 11.18 4.43
C GLU B 102 -12.15 12.16 3.82
N GLY B 103 -10.90 11.73 3.72
CA GLY B 103 -9.85 12.52 3.09
C GLY B 103 -8.72 11.65 2.63
N TRP B 104 -8.01 12.11 1.62
CA TRP B 104 -6.82 11.41 1.15
C TRP B 104 -5.66 11.63 2.13
N GLU B 105 -5.01 10.55 2.54
CA GLU B 105 -3.86 10.63 3.44
C GLU B 105 -2.67 9.96 2.79
N GLY B 106 -1.50 10.47 3.14
CA GLY B 106 -0.27 9.75 2.84
C GLY B 106 0.51 9.64 4.11
N CYS B 107 1.74 9.16 4.02
CA CYS B 107 2.55 8.94 5.20
C CYS B 107 3.99 8.80 4.72
N LEU B 108 4.92 9.44 5.43
CA LEU B 108 6.29 9.31 5.00
C LEU B 108 6.82 7.88 5.16
N SER B 109 6.18 7.07 6.00
CA SER B 109 6.54 5.64 6.12
C SER B 109 5.83 4.78 5.08
N VAL B 110 4.97 5.37 4.27
CA VAL B 110 4.38 4.65 3.14
C VAL B 110 4.68 5.46 1.89
N PRO B 111 5.93 5.59 1.50
CA PRO B 111 6.27 6.51 0.41
C PRO B 111 5.57 6.14 -0.89
N GLY B 112 5.11 7.18 -1.59
CA GLY B 112 4.58 7.03 -2.92
C GLY B 112 3.11 6.71 -3.01
N MET B 113 2.39 6.65 -1.89
CA MET B 113 1.00 6.22 -1.93
CA MET B 113 1.00 6.18 -1.86
C MET B 113 0.08 7.22 -1.25
N ARG B 114 -1.21 7.10 -1.58
CA ARG B 114 -2.28 7.81 -0.86
C ARG B 114 -3.47 6.86 -0.73
N GLY B 115 -4.25 7.03 0.36
CA GLY B 115 -5.51 6.35 0.45
C GLY B 115 -6.54 7.16 1.21
N VAL B 116 -7.80 6.86 0.97
CA VAL B 116 -8.89 7.57 1.65
C VAL B 116 -9.13 6.98 3.03
N VAL B 117 -9.16 7.84 4.05
CA VAL B 117 -9.31 7.45 5.45
C VAL B 117 -10.41 8.32 6.06
N SER B 118 -11.32 7.68 6.78
CA SER B 118 -12.32 8.40 7.57
C SER B 118 -11.72 8.82 8.92
N ARG B 119 -11.84 10.10 9.25
CA ARG B 119 -11.37 10.63 10.53
C ARG B 119 -12.49 11.40 11.20
N TYR B 120 -12.34 11.58 12.51
CA TYR B 120 -13.22 12.51 13.19
C TYR B 120 -13.00 13.92 12.67
N ALA B 121 -14.12 14.62 12.42
CA ALA B 121 -14.02 16.02 12.03
C ALA B 121 -13.39 16.86 13.10
N LYS B 122 -13.63 16.49 14.37
CA LYS B 122 -13.11 17.27 15.49
CA LYS B 122 -13.14 17.27 15.50
C LYS B 122 -12.58 16.34 16.55
N VAL B 123 -11.44 16.75 17.17
CA VAL B 123 -10.86 16.05 18.31
C VAL B 123 -10.40 17.08 19.33
N ARG B 124 -10.34 16.64 20.59
CA ARG B 124 -9.60 17.37 21.63
CA ARG B 124 -9.58 17.39 21.59
C ARG B 124 -8.24 16.71 21.77
N TYR B 125 -7.19 17.51 21.97
CA TYR B 125 -5.94 16.87 22.33
C TYR B 125 -5.23 17.67 23.41
N SER B 126 -4.54 16.93 24.28
CA SER B 126 -3.74 17.57 25.31
C SER B 126 -2.41 16.83 25.41
N GLY B 127 -1.48 17.46 26.10
CA GLY B 127 -0.17 16.88 26.35
C GLY B 127 0.77 18.00 26.74
N TYR B 128 2.04 17.84 26.37
CA TYR B 128 3.08 18.76 26.82
C TYR B 128 4.00 19.12 25.66
N ASP B 129 4.53 20.35 25.67
CA ASP B 129 5.58 20.64 24.70
C ASP B 129 6.93 20.17 25.24
N GLN B 130 8.01 20.43 24.48
CA GLN B 130 9.32 19.89 24.86
C GLN B 130 9.88 20.59 26.09
N PHE B 131 9.32 21.74 26.48
CA PHE B 131 9.73 22.41 27.72
C PHE B 131 8.91 21.96 28.93
N GLY B 132 7.91 21.13 28.72
CA GLY B 132 7.06 20.71 29.82
C GLY B 132 5.82 21.53 30.04
N ALA B 133 5.55 22.49 29.16
CA ALA B 133 4.32 23.28 29.25
C ALA B 133 3.12 22.50 28.73
N LYS B 134 1.98 22.70 29.40
CA LYS B 134 0.77 21.98 29.02
CA LYS B 134 0.76 22.00 29.03
C LYS B 134 0.17 22.56 27.74
N ILE B 135 -0.34 21.65 26.88
CA ILE B 135 -1.08 21.98 25.67
C ILE B 135 -2.48 21.40 25.81
N ASP B 136 -3.51 22.16 25.43
CA ASP B 136 -4.89 21.64 25.49
C ASP B 136 -5.69 22.38 24.43
N ARG B 137 -6.09 21.66 23.38
CA ARG B 137 -6.71 22.28 22.21
C ARG B 137 -7.86 21.43 21.70
N VAL B 138 -8.78 22.10 20.98
CA VAL B 138 -9.74 21.43 20.11
C VAL B 138 -9.34 21.72 18.68
N ALA B 139 -9.28 20.69 17.86
CA ALA B 139 -8.83 20.82 16.49
C ALA B 139 -9.93 20.32 15.56
N GLU B 140 -10.00 20.90 14.34
CA GLU B 140 -10.95 20.40 13.35
C GLU B 140 -10.28 20.28 12.01
N GLY B 141 -11.00 19.62 11.08
CA GLY B 141 -10.54 19.54 9.69
C GLY B 141 -9.15 18.93 9.59
N PHE B 142 -8.33 19.52 8.74
CA PHE B 142 -7.02 18.92 8.46
C PHE B 142 -6.14 18.90 9.72
N HIS B 143 -6.18 19.95 10.54
CA HIS B 143 -5.47 19.94 11.82
C HIS B 143 -5.86 18.69 12.62
N ALA B 144 -7.16 18.44 12.76
CA ALA B 144 -7.61 17.25 13.48
C ALA B 144 -7.14 15.96 12.80
N ARG B 145 -7.10 15.96 11.46
CA ARG B 145 -6.70 14.77 10.73
C ARG B 145 -5.23 14.45 10.98
N VAL B 146 -4.36 15.47 10.88
CA VAL B 146 -2.93 15.27 11.14
CA VAL B 146 -2.95 15.18 11.11
C VAL B 146 -2.71 14.74 12.55
N VAL B 147 -3.41 15.31 13.52
CA VAL B 147 -3.21 14.88 14.91
C VAL B 147 -3.62 13.43 15.08
N GLN B 148 -4.76 13.03 14.48
CA GLN B 148 -5.16 11.63 14.54
C GLN B 148 -4.15 10.72 13.83
N HIS B 149 -3.70 11.13 12.65
CA HIS B 149 -2.73 10.32 11.91
C HIS B 149 -1.45 10.15 12.70
N GLU B 150 -0.94 11.22 13.32
CA GLU B 150 0.31 11.08 14.05
C GLU B 150 0.10 10.34 15.37
N TYR B 151 -1.00 10.60 16.06
CA TYR B 151 -1.31 9.83 17.26
C TYR B 151 -1.34 8.34 16.96
N ASP B 152 -1.96 7.96 15.84
CA ASP B 152 -2.02 6.54 15.48
C ASP B 152 -0.63 5.91 15.46
N HIS B 153 0.39 6.67 14.99
CA HIS B 153 1.74 6.11 14.99
C HIS B 153 2.21 5.69 16.38
N LEU B 154 1.74 6.38 17.43
CA LEU B 154 2.16 6.09 18.79
C LEU B 154 1.51 4.83 19.34
N ILE B 155 0.43 4.37 18.72
CA ILE B 155 -0.24 3.14 19.13
C ILE B 155 -0.09 2.05 18.07
N GLY B 156 0.92 2.20 17.20
CA GLY B 156 1.28 1.12 16.28
C GLY B 156 0.38 1.01 15.08
N LYS B 157 -0.34 2.07 14.74
CA LYS B 157 -1.29 2.05 13.62
C LYS B 157 -0.78 2.90 12.48
N LEU B 158 -0.89 2.36 11.29
CA LEU B 158 -0.54 3.02 10.05
C LEU B 158 -1.82 3.16 9.24
N TYR B 159 -1.92 4.17 8.40
CA TYR B 159 -3.23 4.49 7.81
C TYR B 159 -3.83 3.37 6.93
N PRO B 160 -3.08 2.47 6.28
CA PRO B 160 -3.77 1.37 5.58
C PRO B 160 -4.59 0.50 6.52
N MET B 161 -4.23 0.49 7.80
CA MET B 161 -5.04 -0.22 8.78
C MET B 161 -6.40 0.41 9.00
N ARG B 162 -6.52 1.71 8.69
CA ARG B 162 -7.77 2.46 8.86
C ARG B 162 -8.62 2.47 7.60
N ILE B 163 -8.03 2.16 6.44
CA ILE B 163 -8.80 2.19 5.19
C ILE B 163 -9.89 1.14 5.21
N THR B 164 -11.08 1.52 4.74
CA THR B 164 -12.11 0.51 4.51
C THR B 164 -12.38 0.25 3.06
N ASP B 165 -11.99 1.15 2.18
CA ASP B 165 -12.36 1.05 0.76
C ASP B 165 -11.05 1.02 -0.04
N PHE B 166 -10.58 -0.20 -0.35
CA PHE B 166 -9.29 -0.28 -1.00
C PHE B 166 -9.36 -0.05 -2.51
N THR B 167 -10.53 0.32 -3.04
CA THR B 167 -10.55 0.93 -4.38
C THR B 167 -10.04 2.35 -4.37
N ARG B 168 -9.87 2.95 -3.18
CA ARG B 168 -9.37 4.31 -3.11
CA ARG B 168 -9.36 4.31 -3.14
C ARG B 168 -8.04 4.30 -2.37
N PHE B 169 -7.10 3.51 -2.87
CA PHE B 169 -5.76 3.39 -2.32
C PHE B 169 -4.86 3.15 -3.53
N GLY B 170 -3.76 3.88 -3.63
CA GLY B 170 -2.92 3.67 -4.81
C GLY B 170 -1.72 4.60 -4.81
N PHE B 171 -1.09 4.73 -5.97
CA PHE B 171 0.16 5.48 -6.04
C PHE B 171 -0.12 6.95 -6.34
N THR B 172 0.57 7.81 -5.59
CA THR B 172 0.39 9.26 -5.72
C THR B 172 0.60 9.72 -7.15
N GLU B 173 1.57 9.15 -7.84
CA GLU B 173 1.84 9.68 -9.18
C GLU B 173 0.69 9.38 -10.16
N VAL B 174 -0.13 8.37 -9.88
CA VAL B 174 -1.32 8.09 -10.68
C VAL B 174 -2.52 8.86 -10.17
N LEU B 175 -2.74 8.80 -8.86
CA LEU B 175 -3.91 9.46 -8.28
C LEU B 175 -3.82 10.98 -8.37
N PHE B 176 -2.62 11.53 -8.20
CA PHE B 176 -2.43 12.99 -8.12
C PHE B 176 -1.24 13.38 -8.96
N PRO B 177 -1.38 13.29 -10.28
CA PRO B 177 -0.23 13.55 -11.17
C PRO B 177 0.25 14.99 -11.11
N GLY B 178 -0.64 15.94 -10.82
CA GLY B 178 -0.25 17.34 -10.79
C GLY B 178 0.58 17.73 -9.59
N LEU B 179 0.79 16.78 -8.70
CA LEU B 179 1.36 17.03 -7.39
C LEU B 179 2.86 16.76 -7.35
FE FE C . -1.15 -8.45 -9.83
S SO4 D . 3.03 -10.61 -10.05
O1 SO4 D . 2.28 -9.45 -10.58
O2 SO4 D . 2.12 -11.75 -10.03
O3 SO4 D . 4.18 -10.88 -10.89
O4 SO4 D . 3.55 -10.30 -8.70
S SO4 E . 9.00 -5.69 -6.18
O1 SO4 E . 8.15 -4.80 -6.97
O2 SO4 E . 10.32 -5.42 -6.73
O3 SO4 E . 8.74 -7.10 -6.40
O4 SO4 E . 9.07 -5.40 -4.75
S SO4 F . 12.47 -19.41 -16.77
O1 SO4 F . 13.07 -18.09 -16.95
O2 SO4 F . 11.04 -19.29 -16.97
O3 SO4 F . 13.00 -20.35 -17.76
O4 SO4 F . 12.80 -19.89 -15.43
S SO4 G . -2.39 -29.77 -19.83
O1 SO4 G . -2.23 -28.49 -20.49
O2 SO4 G . -2.84 -30.74 -20.83
O3 SO4 G . -1.13 -30.21 -19.24
O4 SO4 G . -3.40 -29.67 -18.77
C1 EDO H . 6.42 -21.19 -1.77
O1 EDO H . 6.32 -19.84 -1.19
C2 EDO H . 5.22 -21.43 -2.69
O2 EDO H . 4.01 -21.40 -1.91
C1 EDO I . 4.47 -16.70 5.92
O1 EDO I . 4.69 -18.13 6.03
C2 EDO I . 3.37 -16.32 4.93
O2 EDO I . 2.20 -17.10 5.12
C1 EDO J . 1.81 -14.19 -5.97
O1 EDO J . 1.61 -12.78 -5.83
C2 EDO J . 0.98 -14.65 -7.16
O2 EDO J . 1.05 -13.71 -8.25
FE FE K . 2.35 8.67 8.98
S SO4 L . 2.62 12.68 6.38
O1 SO4 L . 2.04 12.30 5.09
O2 SO4 L . 1.58 13.12 7.33
O3 SO4 L . 3.59 13.75 6.12
O4 SO4 L . 3.32 11.54 6.99
S SO4 M . 4.67 10.83 -1.83
O1 SO4 M . 3.87 11.78 -1.08
O2 SO4 M . 3.78 10.13 -2.73
O3 SO4 M . 5.41 9.89 -0.98
O4 SO4 M . 5.71 11.56 -2.56
S SO4 N . 6.05 26.88 5.45
O1 SO4 N . 6.41 28.19 5.99
O2 SO4 N . 4.91 27.04 4.54
O3 SO4 N . 7.17 26.33 4.70
O4 SO4 N . 5.73 25.96 6.52
S SO4 O . -2.61 27.54 22.04
O1 SO4 O . -2.80 28.03 20.68
O2 SO4 O . -2.85 28.64 22.98
O3 SO4 O . -1.24 27.05 22.23
O4 SO4 O . -3.56 26.46 22.30
C1 EDO P . -2.92 13.63 6.10
O1 EDO P . -1.93 12.81 5.46
C2 EDO P . -2.57 13.59 7.58
O2 EDO P . -1.22 13.16 7.73
#